data_5KC8
#
_entry.id   5KC8
#
_cell.length_a   45.100
_cell.length_b   79.160
_cell.length_c   246.690
_cell.angle_alpha   90.00
_cell.angle_beta   90.00
_cell.angle_gamma   90.00
#
_symmetry.space_group_name_H-M   'I 2 2 2'
#
loop_
_entity.id
_entity.type
_entity.pdbx_description
1 polymer 'Glutamate receptor ionotropic, delta-2'
2 non-polymer 'CALCIUM ION'
3 non-polymer 1,2-ETHANEDIOL
4 water water
#
_entity_poly.entity_id   1
_entity_poly.type   'polypeptide(L)'
_entity_poly.pdbx_seq_one_letter_code
;ETGDSIIHIGAIFDESAKKDDEVFRTAVGDLNQNEEILQTEKITFSVTFVDGNNPFQAVQEACELMNQGILALVSSIGCT
SAGSLQSLADAMHIPHLFIQRSTAGTPRSGCGLTRSNRNDDYTLSVRPPVYLHDVILRVVTEYAWQKFIIFYDSEYDIRG
IQEFLDKVSQQGMDVALQKVENNINKMITTLFDTMRIEELNRYRDTLRRAILVMNPATAKSFITEVVETNLVAFDCHWII
INEEINDVDVQELVRRSIGRLTIIRQTFPVPQNISQRCFRGNHRISSTLCDPKDPFAQNMEISNLYIYDTVLLLANAFHK
KLEDRKWHSMASLSCIRKNSKPWQGGRSMLETIKKGGVSGLTGELEFGENGGNPNVHFEILGTNYGEELGRGVRKLGCWN
PVTGLNGSLTDKKLENNMRGGTKHHHHHH
;
_entity_poly.pdbx_strand_id   A
#
# COMPACT_ATOMS: atom_id res chain seq x y z
N ASP A 4 6.09 -33.07 -11.68
CA ASP A 4 6.78 -32.26 -12.68
C ASP A 4 6.07 -30.92 -12.85
N SER A 5 6.74 -29.84 -12.43
CA SER A 5 6.14 -28.52 -12.40
C SER A 5 6.46 -27.69 -13.65
N ILE A 6 5.41 -27.13 -14.26
CA ILE A 6 5.59 -26.17 -15.36
C ILE A 6 5.11 -24.78 -14.95
N ILE A 7 4.62 -24.64 -13.71
CA ILE A 7 4.18 -23.35 -13.19
C ILE A 7 5.09 -22.91 -12.05
N HIS A 8 5.95 -21.95 -12.34
CA HIS A 8 6.95 -21.49 -11.37
C HIS A 8 6.96 -19.98 -11.39
N ILE A 9 6.85 -19.38 -10.21
CA ILE A 9 6.88 -17.92 -10.10
C ILE A 9 7.99 -17.49 -9.16
N GLY A 10 8.44 -16.26 -9.32
CA GLY A 10 9.52 -15.73 -8.51
C GLY A 10 9.02 -14.58 -7.68
N ALA A 11 9.64 -14.38 -6.53
CA ALA A 11 9.28 -13.27 -5.67
C ALA A 11 10.54 -12.63 -5.10
N ILE A 12 10.54 -11.29 -5.09
CA ILE A 12 11.62 -10.51 -4.50
C ILE A 12 11.00 -9.68 -3.39
N PHE A 13 11.48 -9.84 -2.17
CA PHE A 13 10.94 -9.13 -1.01
C PHE A 13 12.01 -8.28 -0.33
N ASP A 14 11.62 -7.08 0.12
CA ASP A 14 12.46 -6.31 1.01
C ASP A 14 12.70 -7.10 2.29
N GLU A 15 13.82 -6.83 2.96
CA GLU A 15 14.15 -7.52 4.20
C GLU A 15 13.11 -7.29 5.29
N SER A 16 12.30 -6.25 5.14
CA SER A 16 11.28 -5.92 6.13
C SER A 16 9.93 -6.58 5.83
N ALA A 17 9.90 -7.43 4.80
CA ALA A 17 8.63 -7.95 4.31
C ALA A 17 8.41 -9.44 4.63
N LYS A 18 8.88 -9.87 5.78
CA LYS A 18 8.72 -11.27 6.19
C LYS A 18 7.25 -11.71 6.18
N LYS A 19 6.33 -10.81 6.50
CA LYS A 19 4.92 -11.17 6.51
C LYS A 19 4.35 -11.32 5.09
N ASP A 20 4.89 -10.56 4.15
CA ASP A 20 4.53 -10.73 2.74
C ASP A 20 4.93 -12.14 2.27
N ASP A 21 6.12 -12.58 2.67
CA ASP A 21 6.62 -13.91 2.32
C ASP A 21 5.73 -15.00 2.92
N GLU A 22 5.30 -14.81 4.16
CA GLU A 22 4.44 -15.78 4.82
C GLU A 22 3.11 -15.95 4.10
N VAL A 23 2.49 -14.82 3.75
CA VAL A 23 1.19 -14.83 3.09
C VAL A 23 1.33 -15.30 1.65
N PHE A 24 2.44 -14.95 0.99
CA PHE A 24 2.76 -15.47 -0.33
C PHE A 24 2.71 -16.99 -0.31
N ARG A 25 3.42 -17.58 0.64
CA ARG A 25 3.53 -19.03 0.71
C ARG A 25 2.18 -19.67 1.04
N THR A 26 1.42 -19.04 1.92
CA THR A 26 0.10 -19.52 2.28
C THR A 26 -0.84 -19.48 1.08
N ALA A 27 -0.74 -18.42 0.28
CA ALA A 27 -1.58 -18.29 -0.91
C ALA A 27 -1.30 -19.43 -1.88
N VAL A 28 -0.02 -19.72 -2.10
CA VAL A 28 0.36 -20.78 -3.01
C VAL A 28 -0.22 -22.10 -2.48
N GLY A 29 -0.12 -22.28 -1.17
CA GLY A 29 -0.66 -23.46 -0.52
C GLY A 29 -2.16 -23.60 -0.73
N ASP A 30 -2.88 -22.49 -0.56
CA ASP A 30 -4.33 -22.49 -0.74
C ASP A 30 -4.71 -22.84 -2.16
N LEU A 31 -3.98 -22.29 -3.12
CA LEU A 31 -4.30 -22.53 -4.52
C LEU A 31 -4.01 -23.97 -4.90
N ASN A 32 -2.91 -24.51 -4.39
CA ASN A 32 -2.55 -25.89 -4.70
C ASN A 32 -3.55 -26.89 -4.08
N GLN A 33 -4.32 -26.41 -3.10
CA GLN A 33 -5.41 -27.22 -2.53
C GLN A 33 -6.72 -27.06 -3.31
N ASN A 34 -6.79 -26.06 -4.19
CA ASN A 34 -8.01 -25.76 -4.93
C ASN A 34 -8.11 -26.60 -6.20
N GLU A 35 -9.07 -27.52 -6.27
CA GLU A 35 -9.16 -28.43 -7.41
C GLU A 35 -9.78 -27.80 -8.64
N GLU A 36 -10.41 -26.64 -8.47
CA GLU A 36 -11.11 -25.96 -9.55
C GLU A 36 -10.20 -25.06 -10.42
N ILE A 37 -9.10 -24.60 -9.83
CA ILE A 37 -8.13 -23.76 -10.55
C ILE A 37 -6.84 -24.55 -10.72
N LEU A 38 -6.33 -24.60 -11.96
CA LEU A 38 -5.14 -25.38 -12.29
C LEU A 38 -5.33 -26.81 -11.83
N GLN A 39 -6.27 -27.49 -12.47
CA GLN A 39 -6.78 -28.77 -11.97
C GLN A 39 -5.69 -29.83 -11.88
N THR A 40 -4.69 -29.75 -12.76
CA THR A 40 -3.64 -30.77 -12.82
C THR A 40 -2.22 -30.20 -12.76
N GLU A 41 -2.06 -29.02 -12.17
CA GLU A 41 -0.75 -28.40 -12.05
C GLU A 41 -0.58 -27.70 -10.70
N LYS A 42 0.52 -28.01 -10.02
CA LYS A 42 0.89 -27.35 -8.78
C LYS A 42 1.75 -26.14 -9.08
N ILE A 43 1.58 -25.08 -8.28
CA ILE A 43 2.43 -23.90 -8.38
C ILE A 43 3.65 -24.08 -7.48
N THR A 44 4.83 -23.85 -8.05
CA THR A 44 6.07 -23.81 -7.27
C THR A 44 6.67 -22.41 -7.38
N PHE A 45 7.65 -22.10 -6.54
CA PHE A 45 8.17 -20.75 -6.47
C PHE A 45 9.60 -20.70 -5.95
N SER A 46 10.26 -19.57 -6.22
CA SER A 46 11.54 -19.24 -5.63
C SER A 46 11.42 -17.82 -5.06
N VAL A 47 11.80 -17.64 -3.80
CA VAL A 47 11.74 -16.34 -3.12
C VAL A 47 13.14 -15.88 -2.79
N THR A 48 13.41 -14.58 -2.93
CA THR A 48 14.67 -14.03 -2.45
C THR A 48 14.40 -12.74 -1.72
N PHE A 49 15.07 -12.57 -0.57
CA PHE A 49 15.03 -11.32 0.16
C PHE A 49 16.21 -10.45 -0.24
N VAL A 50 15.97 -9.15 -0.40
CA VAL A 50 17.03 -8.21 -0.73
C VAL A 50 16.96 -6.96 0.13
N ASP A 51 18.07 -6.25 0.23
CA ASP A 51 18.10 -4.88 0.75
C ASP A 51 17.38 -3.97 -0.23
N GLY A 52 16.19 -3.52 0.14
CA GLY A 52 15.37 -2.73 -0.76
C GLY A 52 15.99 -1.41 -1.18
N ASN A 53 17.00 -0.96 -0.44
CA ASN A 53 17.71 0.27 -0.78
C ASN A 53 18.93 0.02 -1.66
N ASN A 54 19.08 -1.23 -2.11
CA ASN A 54 20.17 -1.59 -2.99
C ASN A 54 19.63 -2.05 -4.34
N PRO A 55 19.49 -1.12 -5.28
CA PRO A 55 18.82 -1.50 -6.53
C PRO A 55 19.64 -2.47 -7.37
N PHE A 56 20.96 -2.45 -7.27
CA PHE A 56 21.73 -3.43 -8.03
C PHE A 56 21.51 -4.83 -7.47
N GLN A 57 21.45 -4.95 -6.14
CA GLN A 57 21.18 -6.25 -5.53
C GLN A 57 19.81 -6.76 -5.98
N ALA A 58 18.84 -5.85 -6.05
CA ALA A 58 17.49 -6.22 -6.46
C ALA A 58 17.50 -6.81 -7.86
N VAL A 59 18.21 -6.14 -8.77
CA VAL A 59 18.31 -6.56 -10.15
C VAL A 59 19.04 -7.90 -10.25
N GLN A 60 20.17 -8.00 -9.54
CA GLN A 60 20.96 -9.21 -9.55
C GLN A 60 20.12 -10.41 -9.12
N GLU A 61 19.40 -10.28 -8.03
CA GLU A 61 18.67 -11.42 -7.49
C GLU A 61 17.43 -11.71 -8.33
N ALA A 62 16.80 -10.68 -8.90
CA ALA A 62 15.71 -10.89 -9.86
C ALA A 62 16.23 -11.65 -11.08
N CYS A 63 17.42 -11.29 -11.54
CA CYS A 63 18.03 -11.96 -12.69
C CYS A 63 18.29 -13.42 -12.39
N GLU A 64 18.70 -13.72 -11.16
CA GLU A 64 18.96 -15.12 -10.80
C GLU A 64 17.65 -15.93 -10.82
N LEU A 65 16.55 -15.32 -10.40
CA LEU A 65 15.24 -15.98 -10.48
C LEU A 65 14.86 -16.24 -11.94
N MET A 66 15.14 -15.27 -12.80
CA MET A 66 14.84 -15.43 -14.22
C MET A 66 15.69 -16.51 -14.87
N ASN A 67 16.90 -16.72 -14.34
CA ASN A 67 17.76 -17.81 -14.82
C ASN A 67 17.20 -19.17 -14.43
N GLN A 68 16.60 -19.26 -13.24
CA GLN A 68 15.93 -20.48 -12.82
C GLN A 68 14.79 -20.79 -13.78
N GLY A 69 14.07 -19.74 -14.18
CA GLY A 69 12.92 -19.84 -15.06
C GLY A 69 11.63 -19.52 -14.32
N ILE A 70 11.03 -18.38 -14.64
CA ILE A 70 9.76 -17.98 -14.03
C ILE A 70 8.74 -17.45 -15.05
N LEU A 71 7.47 -17.55 -14.69
CA LEU A 71 6.35 -17.05 -15.51
C LEU A 71 6.01 -15.60 -15.19
N ALA A 72 6.35 -15.19 -13.97
CA ALA A 72 6.05 -13.84 -13.51
C ALA A 72 6.93 -13.58 -12.29
N LEU A 73 7.14 -12.30 -12.03
CA LEU A 73 7.90 -11.85 -10.88
C LEU A 73 7.00 -11.01 -10.00
N VAL A 74 6.89 -11.39 -8.73
CA VAL A 74 6.15 -10.62 -7.75
C VAL A 74 7.16 -9.89 -6.89
N SER A 75 6.95 -8.59 -6.66
CA SER A 75 7.84 -7.85 -5.79
C SER A 75 7.03 -7.14 -4.72
N SER A 76 7.61 -7.04 -3.53
CA SER A 76 7.05 -6.22 -2.48
C SER A 76 8.21 -5.43 -1.89
N ILE A 77 8.26 -4.16 -2.28
CA ILE A 77 9.47 -3.38 -2.13
C ILE A 77 9.11 -1.91 -2.23
N GLY A 78 9.99 -1.05 -1.74
CA GLY A 78 9.82 0.38 -1.86
C GLY A 78 10.25 0.96 -3.20
N CYS A 79 10.14 2.28 -3.31
CA CYS A 79 10.39 2.97 -4.56
C CYS A 79 11.85 2.94 -5.03
N THR A 80 12.80 2.82 -4.09
CA THR A 80 14.23 2.93 -4.40
C THR A 80 14.68 1.92 -5.45
N SER A 81 14.15 0.70 -5.36
CA SER A 81 14.54 -0.38 -6.27
C SER A 81 13.44 -0.65 -7.31
N ALA A 82 12.29 -0.03 -7.13
CA ALA A 82 11.15 -0.31 -7.99
C ALA A 82 11.47 0.01 -9.45
N GLY A 83 12.14 1.14 -9.67
CA GLY A 83 12.47 1.57 -11.02
C GLY A 83 13.38 0.58 -11.71
N SER A 84 14.36 0.09 -10.98
CA SER A 84 15.31 -0.86 -11.54
C SER A 84 14.65 -2.18 -11.91
N LEU A 85 13.76 -2.67 -11.05
CA LEU A 85 13.06 -3.92 -11.33
C LEU A 85 12.07 -3.77 -12.48
N GLN A 86 11.41 -2.61 -12.54
CA GLN A 86 10.50 -2.35 -13.63
C GLN A 86 11.25 -2.37 -14.97
N SER A 87 12.42 -1.72 -15.01
CA SER A 87 13.16 -1.63 -16.26
C SER A 87 13.78 -2.97 -16.63
N LEU A 88 14.17 -3.77 -15.64
CA LEU A 88 14.62 -5.14 -15.90
C LEU A 88 13.50 -5.96 -16.50
N ALA A 89 12.31 -5.90 -15.89
CA ALA A 89 11.16 -6.66 -16.38
C ALA A 89 10.84 -6.29 -17.84
N ASP A 90 10.89 -4.99 -18.15
CA ASP A 90 10.68 -4.52 -19.52
C ASP A 90 11.70 -5.14 -20.49
N ALA A 91 12.98 -5.18 -20.09
CA ALA A 91 14.02 -5.72 -20.95
C ALA A 91 13.86 -7.23 -21.18
N MET A 92 13.38 -7.95 -20.16
CA MET A 92 13.32 -9.42 -20.22
C MET A 92 11.93 -9.96 -20.59
N HIS A 93 10.95 -9.07 -20.74
CA HIS A 93 9.56 -9.44 -20.97
C HIS A 93 9.04 -10.41 -19.90
N ILE A 94 9.34 -10.12 -18.65
CA ILE A 94 8.80 -10.90 -17.53
C ILE A 94 7.71 -10.07 -16.86
N PRO A 95 6.46 -10.57 -16.87
CA PRO A 95 5.39 -9.85 -16.17
C PRO A 95 5.76 -9.59 -14.71
N HIS A 96 5.60 -8.35 -14.27
CA HIS A 96 6.11 -7.90 -12.98
C HIS A 96 4.92 -7.37 -12.18
N LEU A 97 4.56 -8.11 -11.14
CA LEU A 97 3.46 -7.73 -10.28
C LEU A 97 4.04 -6.97 -9.09
N PHE A 98 3.91 -5.65 -9.12
CA PHE A 98 4.60 -4.77 -8.17
C PHE A 98 3.68 -4.32 -7.04
N ILE A 99 4.05 -4.69 -5.82
CA ILE A 99 3.32 -4.29 -4.61
C ILE A 99 4.20 -3.29 -3.87
N GLN A 100 3.81 -2.02 -3.90
CA GLN A 100 4.60 -0.97 -3.29
C GLN A 100 4.51 -1.05 -1.76
N ARG A 101 5.65 -1.11 -1.09
CA ARG A 101 5.70 -1.04 0.36
C ARG A 101 6.12 0.36 0.78
N SER A 102 5.49 0.90 1.81
CA SER A 102 5.90 2.19 2.33
C SER A 102 6.96 1.91 3.38
N THR A 103 7.77 2.92 3.66
CA THR A 103 8.80 2.83 4.68
C THR A 103 8.23 3.08 6.07
N ALA A 104 8.37 2.08 6.94
CA ALA A 104 8.03 2.23 8.36
C ALA A 104 6.60 2.72 8.60
N GLY A 105 5.67 2.33 7.74
CA GLY A 105 4.28 2.68 7.90
C GLY A 105 3.93 4.12 7.55
N THR A 106 4.89 4.87 7.02
CA THR A 106 4.62 6.24 6.57
C THR A 106 3.56 6.18 5.47
N PRO A 107 2.72 7.21 5.34
CA PRO A 107 1.77 7.20 4.23
C PRO A 107 2.49 7.11 2.87
N ARG A 108 1.93 6.32 1.96
CA ARG A 108 2.47 6.15 0.62
C ARG A 108 2.37 7.42 -0.21
N SER A 109 3.40 7.66 -1.03
CA SER A 109 3.32 8.63 -2.11
C SER A 109 3.70 7.88 -3.39
N GLY A 110 3.35 8.42 -4.55
CA GLY A 110 3.71 7.79 -5.80
C GLY A 110 5.21 7.65 -5.93
N CYS A 111 5.68 6.63 -6.63
CA CYS A 111 7.11 6.47 -6.79
C CYS A 111 7.67 7.56 -7.69
N GLY A 112 6.82 8.18 -8.49
CA GLY A 112 7.22 9.31 -9.33
C GLY A 112 8.31 8.85 -10.26
N LEU A 113 8.14 7.64 -10.75
CA LEU A 113 9.24 6.85 -11.29
C LEU A 113 9.80 7.38 -12.61
N THR A 114 8.97 8.11 -13.35
CA THR A 114 9.30 8.56 -14.71
C THR A 114 10.05 7.49 -15.48
N ARG A 115 9.58 6.26 -15.36
CA ARG A 115 10.16 5.10 -16.07
C ARG A 115 9.98 5.25 -17.57
N SER A 116 11.00 4.84 -18.33
CA SER A 116 11.05 5.07 -19.77
C SER A 116 9.89 4.41 -20.52
N ASN A 117 9.20 5.21 -21.32
CA ASN A 117 7.98 4.78 -22.00
C ASN A 117 8.18 4.37 -23.45
N ARG A 118 9.44 4.32 -23.89
CA ARG A 118 9.75 3.88 -25.26
C ARG A 118 9.43 2.40 -25.41
N ASN A 119 9.63 1.66 -24.33
CA ASN A 119 9.48 0.21 -24.34
C ASN A 119 8.17 -0.20 -23.69
N ASP A 120 7.65 -1.36 -24.09
CA ASP A 120 6.45 -1.91 -23.47
C ASP A 120 6.64 -2.06 -21.97
N ASP A 121 5.57 -1.74 -21.23
CA ASP A 121 5.59 -1.74 -19.78
C ASP A 121 5.14 -3.11 -19.25
N TYR A 122 6.05 -3.85 -18.65
CA TYR A 122 5.74 -5.18 -18.13
C TYR A 122 5.37 -5.18 -16.65
N THR A 123 5.22 -3.99 -16.05
CA THR A 123 4.85 -3.90 -14.64
C THR A 123 3.38 -3.57 -14.48
N LEU A 124 2.72 -4.37 -13.65
CA LEU A 124 1.36 -4.11 -13.21
C LEU A 124 1.42 -3.67 -11.76
N SER A 125 0.86 -2.50 -11.46
CA SER A 125 0.86 -1.99 -10.11
C SER A 125 -0.35 -2.53 -9.37
N VAL A 126 -0.08 -3.35 -8.36
CA VAL A 126 -1.10 -4.10 -7.68
C VAL A 126 -1.87 -3.22 -6.70
N ARG A 127 -1.16 -2.37 -5.96
CA ARG A 127 -1.85 -1.45 -5.07
C ARG A 127 -2.46 -0.30 -5.86
N PRO A 128 -3.58 0.23 -5.38
CA PRO A 128 -4.27 1.31 -6.10
C PRO A 128 -3.43 2.60 -6.11
N PRO A 129 -3.81 3.56 -6.97
CA PRO A 129 -3.14 4.86 -6.92
C PRO A 129 -3.21 5.51 -5.55
N VAL A 130 -2.27 6.40 -5.26
CA VAL A 130 -2.27 7.13 -4.01
C VAL A 130 -3.28 8.25 -4.14
N TYR A 131 -4.30 8.20 -3.29
CA TYR A 131 -5.38 9.18 -3.33
C TYR A 131 -5.41 10.08 -2.08
N LEU A 132 -4.39 9.97 -1.23
CA LEU A 132 -4.33 10.72 0.02
C LEU A 132 -4.68 12.20 -0.19
N HIS A 133 -4.06 12.81 -1.19
CA HIS A 133 -4.25 14.24 -1.43
C HIS A 133 -5.68 14.59 -1.81
N ASP A 134 -6.35 13.71 -2.55
CA ASP A 134 -7.75 13.91 -2.92
C ASP A 134 -8.66 13.80 -1.71
N VAL A 135 -8.46 12.76 -0.91
CA VAL A 135 -9.32 12.50 0.23
C VAL A 135 -9.21 13.64 1.24
N ILE A 136 -7.98 14.07 1.52
CA ILE A 136 -7.79 15.04 2.59
C ILE A 136 -8.36 16.40 2.17
N LEU A 137 -8.30 16.70 0.87
CA LEU A 137 -8.93 17.93 0.38
C LEU A 137 -10.43 17.91 0.63
N ARG A 138 -11.06 16.77 0.36
CA ARG A 138 -12.50 16.67 0.48
C ARG A 138 -12.93 16.82 1.94
N VAL A 139 -12.17 16.20 2.85
CA VAL A 139 -12.50 16.25 4.26
C VAL A 139 -12.28 17.65 4.86
N VAL A 140 -11.18 18.32 4.51
CA VAL A 140 -10.98 19.67 5.05
C VAL A 140 -12.04 20.62 4.52
N THR A 141 -12.48 20.41 3.28
CA THR A 141 -13.52 21.23 2.69
C THR A 141 -14.85 21.06 3.43
N GLU A 142 -15.17 19.82 3.78
CA GLU A 142 -16.38 19.52 4.51
C GLU A 142 -16.39 20.16 5.89
N TYR A 143 -15.22 20.24 6.51
CA TYR A 143 -15.09 20.86 7.83
C TYR A 143 -14.93 22.38 7.75
N ALA A 144 -14.98 22.91 6.53
CA ALA A 144 -14.79 24.34 6.28
C ALA A 144 -13.54 24.92 6.93
N TRP A 145 -12.44 24.17 6.89
CA TRP A 145 -11.18 24.66 7.45
C TRP A 145 -10.60 25.76 6.55
N GLN A 146 -9.93 26.72 7.16
CA GLN A 146 -9.30 27.84 6.44
C GLN A 146 -7.85 28.02 6.85
N LYS A 147 -7.51 27.52 8.03
CA LYS A 147 -6.17 27.69 8.58
C LYS A 147 -5.82 26.44 9.34
N PHE A 148 -4.71 25.81 8.97
CA PHE A 148 -4.28 24.60 9.65
C PHE A 148 -2.82 24.30 9.36
N ILE A 149 -2.27 23.35 10.12
CA ILE A 149 -0.88 22.95 9.97
C ILE A 149 -0.83 21.48 9.59
N ILE A 150 0.05 21.16 8.64
CA ILE A 150 0.30 19.77 8.25
C ILE A 150 1.60 19.31 8.88
N PHE A 151 1.50 18.26 9.70
CA PHE A 151 2.66 17.62 10.29
C PHE A 151 2.95 16.32 9.54
N TYR A 152 4.19 16.12 9.11
CA TYR A 152 4.55 14.87 8.44
C TYR A 152 5.78 14.25 9.06
N ASP A 153 5.90 12.92 8.96
CA ASP A 153 7.03 12.26 9.61
C ASP A 153 8.26 12.31 8.72
N SER A 154 9.37 11.78 9.22
CA SER A 154 10.67 11.95 8.60
C SER A 154 10.86 11.10 7.34
N GLU A 155 9.91 10.21 7.06
CA GLU A 155 9.99 9.36 5.87
C GLU A 155 9.03 9.79 4.77
N TYR A 156 8.08 10.67 5.08
CA TYR A 156 7.05 11.00 4.12
C TYR A 156 7.59 11.86 2.99
N ASP A 157 7.14 11.55 1.78
CA ASP A 157 7.54 12.24 0.56
C ASP A 157 6.51 13.31 0.22
N ILE A 158 6.85 14.58 0.48
CA ILE A 158 5.85 15.63 0.41
C ILE A 158 5.39 15.91 -1.01
N ARG A 159 6.05 15.34 -2.02
CA ARG A 159 5.51 15.43 -3.37
C ARG A 159 4.08 14.86 -3.37
N GLY A 160 3.80 13.99 -2.40
CA GLY A 160 2.49 13.38 -2.26
C GLY A 160 1.37 14.37 -1.93
N ILE A 161 1.71 15.53 -1.38
CA ILE A 161 0.69 16.54 -1.09
C ILE A 161 0.88 17.82 -1.91
N GLN A 162 1.71 17.77 -2.96
CA GLN A 162 1.98 18.99 -3.70
C GLN A 162 0.71 19.52 -4.38
N GLU A 163 -0.16 18.62 -4.82
CA GLU A 163 -1.41 19.03 -5.45
C GLU A 163 -2.37 19.61 -4.41
N PHE A 164 -2.38 19.02 -3.22
CA PHE A 164 -3.18 19.53 -2.11
C PHE A 164 -2.72 20.93 -1.73
N LEU A 165 -1.41 21.13 -1.61
CA LEU A 165 -0.87 22.44 -1.27
C LEU A 165 -1.21 23.50 -2.33
N ASP A 166 -1.14 23.12 -3.60
CA ASP A 166 -1.52 24.03 -4.68
C ASP A 166 -2.98 24.47 -4.51
N LYS A 167 -3.85 23.50 -4.27
CA LYS A 167 -5.28 23.78 -4.19
C LYS A 167 -5.64 24.67 -3.01
N VAL A 168 -5.08 24.42 -1.83
CA VAL A 168 -5.43 25.21 -0.66
C VAL A 168 -4.90 26.64 -0.83
N SER A 169 -3.79 26.79 -1.53
CA SER A 169 -3.24 28.10 -1.87
C SER A 169 -4.20 28.85 -2.78
N GLN A 170 -4.69 28.17 -3.80
CA GLN A 170 -5.62 28.77 -4.74
C GLN A 170 -6.85 29.29 -4.02
N GLN A 171 -7.25 28.60 -2.96
CA GLN A 171 -8.44 28.97 -2.20
C GLN A 171 -8.12 29.94 -1.05
N GLY A 172 -6.87 30.37 -0.98
CA GLY A 172 -6.49 31.44 -0.06
C GLY A 172 -6.33 31.03 1.38
N MET A 173 -6.10 29.73 1.62
CA MET A 173 -5.99 29.24 2.99
C MET A 173 -4.60 29.49 3.58
N ASP A 174 -4.55 29.50 4.91
CA ASP A 174 -3.31 29.69 5.64
C ASP A 174 -2.79 28.35 6.16
N VAL A 175 -1.96 27.69 5.35
CA VAL A 175 -1.52 26.33 5.66
C VAL A 175 -0.02 26.25 5.96
N ALA A 176 0.29 25.85 7.18
CA ALA A 176 1.67 25.65 7.61
C ALA A 176 2.12 24.20 7.38
N LEU A 177 3.41 24.03 7.07
CA LEU A 177 4.01 22.71 7.03
C LEU A 177 4.98 22.59 8.19
N GLN A 178 5.21 21.36 8.63
CA GLN A 178 6.27 21.09 9.58
C GLN A 178 6.57 19.61 9.58
N LYS A 179 7.85 19.29 9.44
CA LYS A 179 8.30 17.93 9.64
C LYS A 179 8.39 17.65 11.13
N VAL A 180 7.86 16.51 11.56
CA VAL A 180 8.01 16.04 12.92
C VAL A 180 9.21 15.09 13.00
N GLU A 181 10.25 15.51 13.70
CA GLU A 181 11.43 14.67 13.89
C GLU A 181 11.02 13.37 14.56
N ASN A 182 11.79 12.32 14.31
CA ASN A 182 11.50 11.01 14.90
C ASN A 182 11.52 11.11 16.42
N ASN A 183 12.31 12.05 16.94
CA ASN A 183 12.36 12.33 18.37
C ASN A 183 11.55 13.58 18.71
N ILE A 184 10.34 13.36 19.22
CA ILE A 184 9.38 14.45 19.44
C ILE A 184 9.73 15.31 20.66
N ASN A 185 10.13 14.67 21.75
CA ASN A 185 10.41 15.39 22.99
C ASN A 185 11.42 16.51 22.82
N LYS A 186 12.49 16.23 22.09
CA LYS A 186 13.51 17.25 21.80
C LYS A 186 12.90 18.41 21.05
N MET A 187 12.07 18.09 20.05
CA MET A 187 11.43 19.11 19.22
C MET A 187 10.57 20.05 20.06
N ILE A 188 9.72 19.47 20.91
CA ILE A 188 8.82 20.26 21.75
C ILE A 188 9.55 20.87 22.95
N THR A 189 10.51 20.15 23.51
CA THR A 189 11.29 20.67 24.62
C THR A 189 12.05 21.90 24.17
N THR A 190 12.66 21.82 22.99
CA THR A 190 13.36 22.96 22.40
C THR A 190 12.40 24.14 22.25
N LEU A 191 11.14 23.81 21.95
CA LEU A 191 10.13 24.81 21.67
C LEU A 191 9.83 25.69 22.88
N PHE A 192 9.61 25.07 24.03
CA PHE A 192 9.28 25.80 25.25
C PHE A 192 10.45 26.66 25.73
N ASP A 193 11.66 26.14 25.59
CA ASP A 193 12.85 26.85 26.04
C ASP A 193 13.06 28.15 25.29
N THR A 194 12.72 28.14 24.00
CA THR A 194 13.05 29.26 23.12
C THR A 194 11.93 30.29 22.99
N MET A 195 10.68 29.85 23.16
CA MET A 195 9.52 30.71 22.90
C MET A 195 9.01 31.43 24.14
N ARG A 196 7.98 32.24 23.95
CA ARG A 196 7.39 33.03 25.05
C ARG A 196 5.88 33.20 24.87
N ILE A 197 5.21 33.63 25.94
CA ILE A 197 3.75 33.72 26.03
C ILE A 197 3.03 34.13 24.74
N GLU A 198 3.44 35.24 24.13
CA GLU A 198 2.78 35.73 22.92
C GLU A 198 3.01 34.74 21.78
N GLU A 199 4.20 34.16 21.74
CA GLU A 199 4.55 33.20 20.71
C GLU A 199 3.87 31.86 20.97
N LEU A 200 3.78 31.49 22.25
CA LEU A 200 3.17 30.23 22.65
C LEU A 200 1.69 30.20 22.32
N ASN A 201 0.99 31.28 22.68
CA ASN A 201 -0.43 31.43 22.35
C ASN A 201 -0.66 31.32 20.85
N ARG A 202 0.29 31.84 20.07
CA ARG A 202 0.19 31.76 18.62
C ARG A 202 0.36 30.33 18.16
N TYR A 203 1.30 29.61 18.77
CA TYR A 203 1.55 28.23 18.37
C TYR A 203 0.37 27.35 18.77
N ARG A 204 -0.10 27.52 20.01
CA ARG A 204 -1.29 26.84 20.47
C ARG A 204 -2.44 27.05 19.50
N ASP A 205 -2.57 28.28 18.99
CA ASP A 205 -3.66 28.59 18.08
C ASP A 205 -3.47 27.84 16.78
N THR A 206 -2.22 27.73 16.36
CA THR A 206 -1.88 27.03 15.13
C THR A 206 -2.21 25.55 15.27
N LEU A 207 -1.97 25.00 16.46
CA LEU A 207 -2.22 23.59 16.73
C LEU A 207 -3.70 23.24 16.92
N ARG A 208 -4.58 24.23 16.87
CA ARG A 208 -6.00 23.93 17.05
C ARG A 208 -6.57 23.13 15.88
N ARG A 209 -5.95 23.23 14.71
CA ARG A 209 -6.34 22.46 13.55
C ARG A 209 -5.10 21.90 12.88
N ALA A 210 -4.95 20.59 12.89
CA ALA A 210 -3.79 19.97 12.26
C ALA A 210 -4.15 18.69 11.52
N ILE A 211 -3.30 18.39 10.54
CA ILE A 211 -3.34 17.12 9.81
C ILE A 211 -2.03 16.37 10.05
N LEU A 212 -2.12 15.10 10.44
CA LEU A 212 -0.94 14.27 10.62
C LEU A 212 -0.81 13.33 9.43
N VAL A 213 0.29 13.47 8.70
CA VAL A 213 0.60 12.61 7.57
C VAL A 213 1.83 11.84 8.03
N MET A 214 1.58 10.79 8.81
CA MET A 214 2.67 10.07 9.43
C MET A 214 2.26 8.64 9.78
N ASN A 215 3.25 7.85 10.15
CA ASN A 215 3.01 6.49 10.60
C ASN A 215 2.30 6.54 11.96
N PRO A 216 1.52 5.49 12.27
CA PRO A 216 0.74 5.50 13.53
C PRO A 216 1.58 5.64 14.80
N ALA A 217 2.76 5.00 14.83
CA ALA A 217 3.59 5.02 16.02
C ALA A 217 4.02 6.44 16.36
N THR A 218 4.50 7.18 15.36
CA THR A 218 4.94 8.55 15.57
C THR A 218 3.77 9.45 15.94
N ALA A 219 2.62 9.23 15.33
CA ALA A 219 1.44 10.02 15.64
C ALA A 219 1.04 9.83 17.12
N LYS A 220 1.03 8.59 17.58
CA LYS A 220 0.72 8.28 18.97
C LYS A 220 1.62 9.08 19.91
N SER A 221 2.92 8.98 19.66
CA SER A 221 3.92 9.66 20.47
C SER A 221 3.77 11.18 20.38
N PHE A 222 3.49 11.68 19.18
CA PHE A 222 3.35 13.11 18.95
C PHE A 222 2.13 13.67 19.68
N ILE A 223 1.01 12.96 19.58
CA ILE A 223 -0.21 13.36 20.29
C ILE A 223 0.00 13.39 21.79
N THR A 224 0.62 12.35 22.34
CA THR A 224 0.83 12.27 23.78
C THR A 224 1.66 13.45 24.27
N GLU A 225 2.71 13.79 23.53
CA GLU A 225 3.64 14.81 23.98
C GLU A 225 3.03 16.23 23.97
N VAL A 226 2.14 16.53 23.03
CA VAL A 226 1.51 17.85 23.01
C VAL A 226 0.37 17.92 24.01
N VAL A 227 -0.30 16.79 24.23
CA VAL A 227 -1.37 16.72 25.22
C VAL A 227 -0.78 16.91 26.61
N GLU A 228 0.31 16.20 26.90
CA GLU A 228 0.96 16.27 28.20
C GLU A 228 1.48 17.67 28.48
N THR A 229 1.99 18.33 27.46
CA THR A 229 2.57 19.67 27.62
C THR A 229 1.51 20.76 27.46
N ASN A 230 0.25 20.37 27.36
CA ASN A 230 -0.86 21.31 27.25
C ASN A 230 -0.73 22.29 26.09
N LEU A 231 -0.24 21.81 24.95
CA LEU A 231 -0.17 22.63 23.74
C LEU A 231 -1.48 22.55 22.95
N VAL A 232 -2.32 21.59 23.32
CA VAL A 232 -3.65 21.46 22.76
C VAL A 232 -4.67 21.32 23.87
N ALA A 233 -5.94 21.52 23.55
CA ALA A 233 -7.01 21.42 24.52
C ALA A 233 -8.25 20.81 23.87
N PHE A 234 -9.34 20.76 24.63
CA PHE A 234 -10.56 20.07 24.22
C PHE A 234 -11.16 20.63 22.92
N ASP A 235 -10.74 21.81 22.50
CA ASP A 235 -11.31 22.44 21.31
C ASP A 235 -10.50 22.13 20.05
N CYS A 236 -9.41 21.39 20.21
CA CYS A 236 -8.55 21.09 19.06
C CYS A 236 -9.23 20.05 18.18
N HIS A 237 -8.80 19.97 16.92
CA HIS A 237 -9.34 19.00 15.99
C HIS A 237 -8.23 18.60 15.06
N TRP A 238 -7.78 17.36 15.20
CA TRP A 238 -6.70 16.85 14.37
C TRP A 238 -7.24 15.77 13.43
N ILE A 239 -6.68 15.72 12.23
CA ILE A 239 -7.03 14.69 11.25
C ILE A 239 -5.79 13.84 11.03
N ILE A 240 -5.93 12.52 11.12
CA ILE A 240 -4.83 11.62 10.80
C ILE A 240 -5.21 10.86 9.55
N ILE A 241 -4.31 10.82 8.57
CA ILE A 241 -4.62 10.12 7.32
C ILE A 241 -3.44 9.24 6.91
N ASN A 242 -3.76 7.98 6.63
CA ASN A 242 -2.79 6.95 6.28
C ASN A 242 -3.57 5.75 5.80
N GLU A 243 -3.18 5.14 4.68
CA GLU A 243 -3.88 3.94 4.24
C GLU A 243 -3.92 2.90 5.33
N GLU A 244 -2.84 2.82 6.09
CA GLU A 244 -2.64 1.73 7.03
C GLU A 244 -2.62 2.18 8.48
N ILE A 245 -3.78 2.04 9.12
CA ILE A 245 -3.90 2.19 10.56
C ILE A 245 -4.82 1.08 11.05
N ASN A 246 -4.28 0.15 11.83
CA ASN A 246 -5.08 -1.00 12.27
C ASN A 246 -5.93 -0.63 13.48
N ASP A 247 -6.81 -1.53 13.89
CA ASP A 247 -7.77 -1.22 14.95
C ASP A 247 -7.10 -0.94 16.28
N VAL A 248 -6.01 -1.63 16.56
CA VAL A 248 -5.25 -1.38 17.78
C VAL A 248 -4.70 0.04 17.75
N ASP A 249 -4.17 0.45 16.60
CA ASP A 249 -3.64 1.80 16.45
C ASP A 249 -4.73 2.84 16.64
N VAL A 250 -5.90 2.61 16.03
CA VAL A 250 -7.01 3.55 16.14
C VAL A 250 -7.37 3.78 17.60
N GLN A 251 -7.53 2.70 18.35
CA GLN A 251 -7.96 2.81 19.73
C GLN A 251 -6.93 3.56 20.57
N GLU A 252 -5.66 3.31 20.30
CA GLU A 252 -4.60 3.95 21.06
C GLU A 252 -4.54 5.44 20.71
N LEU A 253 -4.79 5.76 19.46
CA LEU A 253 -4.81 7.15 19.02
C LEU A 253 -5.93 7.90 19.73
N VAL A 254 -7.12 7.31 19.72
CA VAL A 254 -8.28 7.91 20.38
C VAL A 254 -8.00 8.06 21.87
N ARG A 255 -7.41 7.03 22.47
CA ARG A 255 -7.13 7.01 23.90
C ARG A 255 -6.14 8.10 24.32
N ARG A 256 -5.17 8.40 23.46
CA ARG A 256 -4.11 9.35 23.80
C ARG A 256 -4.51 10.80 23.54
N SER A 257 -5.55 10.99 22.74
CA SER A 257 -5.91 12.32 22.27
C SER A 257 -7.02 12.94 23.12
N ILE A 258 -7.00 14.26 23.18
CA ILE A 258 -8.11 15.03 23.72
C ILE A 258 -8.73 15.82 22.58
N GLY A 259 -9.93 16.32 22.78
CA GLY A 259 -10.62 17.03 21.72
C GLY A 259 -11.04 16.08 20.60
N ARG A 260 -11.16 16.63 19.41
CA ARG A 260 -11.73 15.91 18.29
C ARG A 260 -10.62 15.26 17.46
N LEU A 261 -10.86 14.01 17.06
CA LEU A 261 -9.93 13.31 16.19
C LEU A 261 -10.71 12.72 15.03
N THR A 262 -10.19 12.93 13.82
CA THR A 262 -10.72 12.29 12.64
C THR A 262 -9.63 11.38 12.10
N ILE A 263 -9.99 10.13 11.84
CA ILE A 263 -9.03 9.15 11.33
C ILE A 263 -9.47 8.67 9.96
N ILE A 264 -8.55 8.69 9.00
CA ILE A 264 -8.86 8.34 7.62
C ILE A 264 -7.92 7.22 7.22
N ARG A 265 -8.48 6.05 6.92
CA ARG A 265 -7.66 4.89 6.58
C ARG A 265 -8.29 4.08 5.48
N GLN A 266 -7.51 3.18 4.89
CA GLN A 266 -8.05 2.33 3.83
C GLN A 266 -8.87 1.19 4.44
N THR A 267 -9.92 0.81 3.73
CA THR A 267 -10.81 -0.26 4.16
C THR A 267 -11.05 -1.22 2.99
N PHE A 268 -11.42 -2.45 3.29
CA PHE A 268 -11.54 -3.48 2.25
C PHE A 268 -12.94 -4.09 2.19
N PRO A 269 -13.61 -3.97 1.03
CA PRO A 269 -15.01 -4.37 0.93
C PRO A 269 -15.16 -5.87 0.73
N VAL A 270 -15.12 -6.62 1.83
CA VAL A 270 -15.21 -8.06 1.78
C VAL A 270 -16.56 -8.52 2.33
N PRO A 271 -17.03 -9.72 1.90
CA PRO A 271 -18.33 -10.26 2.32
C PRO A 271 -18.55 -10.22 3.83
N GLN A 272 -19.82 -10.22 4.26
CA GLN A 272 -20.16 -10.10 5.67
C GLN A 272 -20.36 -11.46 6.33
N ASN A 273 -21.19 -12.29 5.73
CA ASN A 273 -21.48 -13.63 6.24
C ASN A 273 -20.23 -14.39 6.63
N ILE A 274 -20.29 -15.09 7.76
CA ILE A 274 -19.14 -15.84 8.26
C ILE A 274 -18.67 -16.87 7.24
N SER A 275 -19.63 -17.51 6.59
CA SER A 275 -19.31 -18.53 5.59
C SER A 275 -18.54 -17.92 4.44
N GLN A 276 -19.08 -16.85 3.88
CA GLN A 276 -18.51 -16.25 2.67
C GLN A 276 -17.25 -15.45 2.95
N ARG A 277 -16.83 -15.39 4.22
CA ARG A 277 -15.65 -14.63 4.60
C ARG A 277 -14.36 -15.32 4.16
N CYS A 278 -14.30 -16.63 4.37
CA CYS A 278 -13.12 -17.41 4.02
C CYS A 278 -13.32 -18.17 2.73
N PHE A 279 -14.24 -17.68 1.91
CA PHE A 279 -14.47 -18.24 0.58
C PHE A 279 -14.65 -17.13 -0.43
N ARG A 280 -14.18 -17.37 -1.66
CA ARG A 280 -14.50 -16.51 -2.79
C ARG A 280 -14.92 -17.44 -3.92
N GLY A 281 -16.22 -17.63 -4.06
CA GLY A 281 -16.74 -18.67 -4.90
C GLY A 281 -16.38 -19.99 -4.25
N ASN A 282 -15.66 -20.83 -4.97
CA ASN A 282 -15.23 -22.12 -4.43
C ASN A 282 -13.79 -22.10 -3.91
N HIS A 283 -13.11 -20.97 -4.02
CA HIS A 283 -11.77 -20.89 -3.47
C HIS A 283 -11.81 -20.65 -1.97
N ARG A 284 -11.22 -21.57 -1.24
CA ARG A 284 -11.14 -21.49 0.21
C ARG A 284 -9.84 -20.84 0.63
N ILE A 285 -9.96 -19.83 1.49
CA ILE A 285 -8.83 -19.09 2.03
C ILE A 285 -8.50 -19.64 3.41
N SER A 286 -7.22 -19.83 3.71
CA SER A 286 -6.80 -20.21 5.05
C SER A 286 -7.41 -19.27 6.09
N SER A 287 -7.95 -19.85 7.16
CA SER A 287 -8.68 -19.09 8.18
C SER A 287 -7.83 -17.99 8.83
N THR A 288 -6.52 -18.20 8.85
CA THR A 288 -5.62 -17.26 9.51
C THR A 288 -5.57 -15.90 8.83
N LEU A 289 -6.08 -15.82 7.61
CA LEU A 289 -6.04 -14.59 6.82
C LEU A 289 -7.40 -13.92 6.68
N CYS A 290 -8.47 -14.69 6.79
CA CYS A 290 -9.81 -14.21 6.46
C CYS A 290 -10.73 -14.10 7.66
N ASP A 291 -10.45 -14.87 8.71
CA ASP A 291 -11.22 -14.78 9.95
C ASP A 291 -10.76 -13.58 10.77
N PRO A 292 -11.63 -12.56 10.93
CA PRO A 292 -11.17 -11.36 11.64
C PRO A 292 -11.03 -11.54 13.15
N LYS A 293 -11.26 -12.75 13.65
CA LYS A 293 -11.03 -13.08 15.05
C LYS A 293 -9.64 -13.69 15.24
N ASP A 294 -9.04 -14.15 14.16
CA ASP A 294 -7.71 -14.72 14.21
C ASP A 294 -6.69 -13.61 14.53
N PRO A 295 -5.72 -13.90 15.40
CA PRO A 295 -4.73 -12.87 15.73
C PRO A 295 -3.91 -12.45 14.50
N PHE A 296 -3.51 -13.40 13.67
CA PHE A 296 -2.71 -13.09 12.48
C PHE A 296 -3.44 -12.11 11.56
N ALA A 297 -4.68 -12.46 11.19
CA ALA A 297 -5.47 -11.63 10.29
C ALA A 297 -5.59 -10.19 10.77
N GLN A 298 -5.70 -10.00 12.08
CA GLN A 298 -5.81 -8.66 12.66
C GLN A 298 -4.47 -7.92 12.58
N ASN A 299 -3.38 -8.69 12.53
CA ASN A 299 -2.04 -8.11 12.48
C ASN A 299 -1.46 -8.04 11.07
N MET A 300 -2.27 -8.40 10.07
CA MET A 300 -1.79 -8.37 8.70
C MET A 300 -1.53 -6.95 8.24
N GLU A 301 -0.46 -6.77 7.48
CA GLU A 301 -0.20 -5.50 6.81
C GLU A 301 -1.02 -5.44 5.53
N ILE A 302 -1.27 -4.24 5.03
CA ILE A 302 -2.05 -4.05 3.82
C ILE A 302 -1.36 -4.77 2.66
N SER A 303 -0.04 -4.70 2.60
CA SER A 303 0.69 -5.33 1.51
C SER A 303 0.45 -6.83 1.52
N ASN A 304 0.26 -7.39 2.71
CA ASN A 304 0.00 -8.83 2.83
C ASN A 304 -1.28 -9.21 2.09
N LEU A 305 -2.30 -8.37 2.20
CA LEU A 305 -3.57 -8.67 1.54
C LEU A 305 -3.40 -8.66 0.02
N TYR A 306 -2.63 -7.70 -0.49
CA TYR A 306 -2.44 -7.57 -1.93
C TYR A 306 -1.61 -8.73 -2.46
N ILE A 307 -0.66 -9.21 -1.67
CA ILE A 307 0.18 -10.35 -2.06
C ILE A 307 -0.68 -11.59 -2.25
N TYR A 308 -1.61 -11.82 -1.32
CA TYR A 308 -2.51 -12.97 -1.45
C TYR A 308 -3.29 -12.91 -2.75
N ASP A 309 -3.90 -11.77 -3.01
CA ASP A 309 -4.75 -11.60 -4.18
C ASP A 309 -3.95 -11.68 -5.47
N THR A 310 -2.67 -11.30 -5.40
CA THR A 310 -1.79 -11.34 -6.55
C THR A 310 -1.57 -12.80 -6.96
N VAL A 311 -1.36 -13.67 -5.97
CA VAL A 311 -1.14 -15.07 -6.27
C VAL A 311 -2.43 -15.67 -6.83
N LEU A 312 -3.57 -15.30 -6.25
CA LEU A 312 -4.86 -15.74 -6.76
C LEU A 312 -5.03 -15.30 -8.23
N LEU A 313 -4.67 -14.07 -8.54
CA LEU A 313 -4.84 -13.54 -9.88
C LEU A 313 -3.92 -14.26 -10.88
N LEU A 314 -2.69 -14.51 -10.47
CA LEU A 314 -1.74 -15.19 -11.35
C LEU A 314 -2.21 -16.60 -11.65
N ALA A 315 -2.73 -17.29 -10.64
CA ALA A 315 -3.19 -18.67 -10.82
C ALA A 315 -4.34 -18.72 -11.82
N ASN A 316 -5.27 -17.78 -11.73
CA ASN A 316 -6.36 -17.75 -12.68
C ASN A 316 -5.89 -17.42 -14.10
N ALA A 317 -4.88 -16.57 -14.23
CA ALA A 317 -4.30 -16.26 -15.53
C ALA A 317 -3.63 -17.50 -16.15
N PHE A 318 -2.89 -18.26 -15.34
CA PHE A 318 -2.20 -19.45 -15.85
C PHE A 318 -3.24 -20.49 -16.29
N HIS A 319 -4.27 -20.63 -15.47
CA HIS A 319 -5.40 -21.51 -15.76
C HIS A 319 -6.02 -21.18 -17.11
N LYS A 320 -6.34 -19.90 -17.33
CA LYS A 320 -6.94 -19.47 -18.59
C LYS A 320 -6.01 -19.72 -19.76
N LYS A 321 -4.72 -19.48 -19.58
CA LYS A 321 -3.75 -19.69 -20.66
C LYS A 321 -3.67 -21.17 -21.07
N LEU A 322 -3.74 -22.05 -20.08
CA LEU A 322 -3.75 -23.48 -20.35
C LEU A 322 -5.05 -23.88 -21.05
N GLU A 323 -6.18 -23.40 -20.53
CA GLU A 323 -7.48 -23.78 -21.09
C GLU A 323 -7.60 -23.31 -22.54
N ASP A 324 -7.02 -22.17 -22.86
CA ASP A 324 -7.06 -21.64 -24.21
C ASP A 324 -6.03 -22.27 -25.14
N ARG A 325 -5.23 -23.20 -24.62
CA ARG A 325 -4.19 -23.90 -25.39
C ARG A 325 -3.17 -22.94 -26.00
N LYS A 326 -2.75 -21.95 -25.21
CA LYS A 326 -1.78 -20.97 -25.64
C LYS A 326 -0.59 -20.89 -24.69
N TRP A 327 -0.24 -22.02 -24.10
CA TRP A 327 0.87 -22.06 -23.15
C TRP A 327 2.23 -21.84 -23.82
N HIS A 328 3.05 -20.99 -23.21
CA HIS A 328 4.46 -20.85 -23.57
C HIS A 328 5.30 -21.28 -22.38
N SER A 329 6.18 -22.25 -22.57
CA SER A 329 7.03 -22.72 -21.48
C SER A 329 7.95 -21.60 -20.98
N MET A 330 8.16 -21.59 -19.67
CA MET A 330 9.19 -20.75 -19.07
C MET A 330 10.53 -21.00 -19.73
N ALA A 331 11.38 -19.99 -19.68
CA ALA A 331 12.73 -20.11 -20.21
C ALA A 331 13.76 -19.62 -19.19
N SER A 332 14.94 -20.22 -19.23
CA SER A 332 16.07 -19.74 -18.42
C SER A 332 16.68 -18.54 -19.12
N LEU A 333 16.53 -17.37 -18.52
CA LEU A 333 17.06 -16.15 -19.09
C LEU A 333 18.38 -15.74 -18.46
N SER A 334 19.14 -14.90 -19.15
CA SER A 334 20.37 -14.35 -18.61
C SER A 334 20.41 -12.84 -18.78
N CYS A 335 20.84 -12.15 -17.73
CA CYS A 335 20.97 -10.70 -17.75
C CYS A 335 22.41 -10.32 -18.08
N ILE A 336 22.55 -9.25 -18.86
CA ILE A 336 23.83 -8.62 -19.14
C ILE A 336 24.80 -9.64 -19.75
N ARG A 337 24.31 -10.37 -20.73
CA ARG A 337 25.14 -11.28 -21.50
C ARG A 337 25.07 -10.91 -22.96
N LYS A 338 26.04 -11.40 -23.72
CA LYS A 338 26.14 -11.07 -25.12
C LYS A 338 24.85 -11.38 -25.87
N ASN A 339 24.24 -12.52 -25.54
CA ASN A 339 23.01 -12.95 -26.18
C ASN A 339 21.82 -13.06 -25.25
N SER A 340 21.79 -12.19 -24.23
CA SER A 340 20.58 -11.99 -23.45
C SER A 340 19.41 -11.77 -24.38
N LYS A 341 18.31 -12.48 -24.14
CA LYS A 341 17.10 -12.36 -24.94
C LYS A 341 15.89 -12.42 -24.04
N PRO A 342 14.83 -11.71 -24.40
CA PRO A 342 13.65 -11.74 -23.53
C PRO A 342 12.91 -13.08 -23.64
N TRP A 343 12.00 -13.31 -22.69
CA TRP A 343 11.14 -14.47 -22.71
C TRP A 343 10.13 -14.34 -23.86
N GLN A 344 10.10 -15.31 -24.76
CA GLN A 344 9.20 -15.23 -25.90
C GLN A 344 7.73 -15.35 -25.49
N GLY A 345 7.47 -15.98 -24.35
CA GLY A 345 6.11 -16.12 -23.85
C GLY A 345 5.60 -14.91 -23.06
N GLY A 346 6.46 -13.92 -22.86
CA GLY A 346 6.14 -12.80 -21.97
C GLY A 346 5.01 -11.89 -22.38
N ARG A 347 4.99 -11.49 -23.65
CA ARG A 347 3.98 -10.54 -24.13
C ARG A 347 2.58 -11.12 -23.97
N SER A 348 2.38 -12.37 -24.35
CA SER A 348 1.05 -12.98 -24.23
C SER A 348 0.66 -13.24 -22.77
N MET A 349 1.63 -13.56 -21.92
CA MET A 349 1.33 -13.77 -20.51
C MET A 349 0.95 -12.45 -19.84
N LEU A 350 1.69 -11.40 -20.17
CA LEU A 350 1.38 -10.06 -19.63
C LEU A 350 -0.05 -9.68 -19.97
N GLU A 351 -0.43 -9.88 -21.23
CA GLU A 351 -1.76 -9.48 -21.66
C GLU A 351 -2.84 -10.31 -20.97
N THR A 352 -2.57 -11.59 -20.74
CA THR A 352 -3.54 -12.42 -20.04
C THR A 352 -3.71 -11.96 -18.60
N ILE A 353 -2.60 -11.70 -17.91
CA ILE A 353 -2.66 -11.23 -16.53
C ILE A 353 -3.35 -9.88 -16.44
N LYS A 354 -3.05 -9.00 -17.39
CA LYS A 354 -3.53 -7.63 -17.33
C LYS A 354 -5.06 -7.57 -17.40
N LYS A 355 -5.67 -8.50 -18.12
CA LYS A 355 -7.13 -8.52 -18.25
C LYS A 355 -7.79 -9.47 -17.25
N GLY A 356 -7.01 -9.99 -16.32
CA GLY A 356 -7.55 -10.82 -15.26
C GLY A 356 -8.25 -10.04 -14.17
N GLY A 357 -9.08 -10.73 -13.38
CA GLY A 357 -9.75 -10.11 -12.27
C GLY A 357 -10.19 -11.16 -11.26
N VAL A 358 -9.90 -10.93 -9.99
CA VAL A 358 -10.31 -11.85 -8.94
C VAL A 358 -10.95 -11.15 -7.75
N SER A 359 -11.79 -11.89 -7.05
CA SER A 359 -12.33 -11.47 -5.77
C SER A 359 -11.43 -12.05 -4.68
N GLY A 360 -10.84 -11.19 -3.87
CA GLY A 360 -9.90 -11.65 -2.85
C GLY A 360 -9.98 -10.88 -1.55
N LEU A 361 -8.89 -10.90 -0.79
CA LEU A 361 -8.89 -10.28 0.52
C LEU A 361 -8.98 -8.76 0.45
N THR A 362 -8.63 -8.17 -0.69
CA THR A 362 -8.67 -6.71 -0.83
C THR A 362 -10.00 -6.23 -1.40
N GLY A 363 -10.85 -7.17 -1.79
CA GLY A 363 -12.06 -6.88 -2.53
C GLY A 363 -11.93 -7.44 -3.93
N GLU A 364 -11.91 -6.55 -4.92
CA GLU A 364 -11.67 -6.94 -6.31
C GLU A 364 -10.30 -6.47 -6.74
N LEU A 365 -9.47 -7.40 -7.25
CA LEU A 365 -8.21 -7.04 -7.83
C LEU A 365 -8.30 -7.18 -9.34
N GLU A 366 -7.95 -6.13 -10.04
CA GLU A 366 -8.01 -6.07 -11.49
C GLU A 366 -7.10 -4.94 -11.94
N PHE A 367 -6.93 -4.78 -13.25
CA PHE A 367 -6.08 -3.70 -13.77
C PHE A 367 -6.78 -2.90 -14.87
N GLY A 368 -6.60 -1.58 -14.82
CA GLY A 368 -7.07 -0.71 -15.88
C GLY A 368 -6.10 -0.70 -17.04
N GLU A 369 -6.44 0.07 -18.08
CA GLU A 369 -5.60 0.15 -19.27
C GLU A 369 -4.19 0.68 -18.97
N ASN A 370 -4.06 1.45 -17.88
CA ASN A 370 -2.75 1.99 -17.50
C ASN A 370 -1.89 1.00 -16.72
N GLY A 371 -2.40 -0.21 -16.54
CA GLY A 371 -1.65 -1.26 -15.87
C GLY A 371 -1.69 -1.20 -14.35
N GLY A 372 -2.61 -0.40 -13.82
CA GLY A 372 -2.74 -0.23 -12.38
C GLY A 372 -4.10 -0.62 -11.85
N ASN A 373 -4.12 -1.14 -10.63
CA ASN A 373 -5.34 -1.48 -9.94
C ASN A 373 -6.12 -0.20 -9.64
N PRO A 374 -7.39 -0.10 -10.09
CA PRO A 374 -8.12 1.14 -9.86
C PRO A 374 -8.93 1.20 -8.56
N ASN A 375 -9.08 0.07 -7.88
CA ASN A 375 -10.03 -0.04 -6.78
C ASN A 375 -9.47 0.33 -5.40
N VAL A 376 -10.17 1.23 -4.72
CA VAL A 376 -9.77 1.60 -3.37
C VAL A 376 -10.95 2.22 -2.60
N HIS A 377 -10.97 1.98 -1.29
CA HIS A 377 -11.99 2.55 -0.43
C HIS A 377 -11.33 3.06 0.85
N PHE A 378 -11.74 4.25 1.28
CA PHE A 378 -11.30 4.82 2.54
C PHE A 378 -12.49 4.92 3.47
N GLU A 379 -12.27 4.65 4.76
CA GLU A 379 -13.30 4.96 5.76
C GLU A 379 -12.83 6.14 6.60
N ILE A 380 -13.81 6.86 7.15
CA ILE A 380 -13.53 8.05 7.94
C ILE A 380 -14.12 7.87 9.33
N LEU A 381 -13.25 7.78 10.33
CA LEU A 381 -13.66 7.60 11.72
C LEU A 381 -13.60 8.94 12.45
N GLY A 382 -14.40 9.07 13.51
CA GLY A 382 -14.42 10.31 14.28
C GLY A 382 -14.79 10.06 15.74
N THR A 383 -14.17 10.84 16.62
CA THR A 383 -14.43 10.74 18.06
C THR A 383 -15.71 11.50 18.43
N GLY A 392 -14.66 7.55 22.85
CA GLY A 392 -15.15 6.58 21.89
C GLY A 392 -14.86 6.99 20.46
N VAL A 393 -15.25 6.14 19.51
CA VAL A 393 -15.04 6.41 18.09
C VAL A 393 -16.07 5.67 17.25
N ARG A 394 -16.52 6.30 16.16
CA ARG A 394 -17.52 5.70 15.29
C ARG A 394 -17.24 6.05 13.83
N LYS A 395 -17.86 5.31 12.92
CA LYS A 395 -17.65 5.50 11.49
C LYS A 395 -18.51 6.63 10.96
N LEU A 396 -17.86 7.67 10.45
CA LEU A 396 -18.55 8.86 9.96
C LEU A 396 -18.94 8.75 8.49
N GLY A 397 -18.09 8.11 7.70
CA GLY A 397 -18.34 8.05 6.27
C GLY A 397 -17.35 7.20 5.51
N CYS A 398 -17.54 7.17 4.19
CA CYS A 398 -16.70 6.41 3.28
C CYS A 398 -16.26 7.32 2.15
N TRP A 399 -15.14 7.01 1.53
CA TRP A 399 -14.72 7.70 0.32
C TRP A 399 -14.14 6.68 -0.64
N ASN A 400 -14.43 6.87 -1.93
CA ASN A 400 -13.78 6.12 -2.99
C ASN A 400 -13.73 7.03 -4.20
N PRO A 401 -12.81 6.77 -5.15
CA PRO A 401 -12.62 7.71 -6.25
C PRO A 401 -13.76 7.72 -7.26
N VAL A 402 -14.73 6.82 -7.12
CA VAL A 402 -15.84 6.77 -8.05
C VAL A 402 -17.03 7.59 -7.54
N THR A 403 -17.64 7.16 -6.44
CA THR A 403 -18.82 7.84 -5.91
C THR A 403 -18.44 8.98 -4.97
N GLY A 404 -17.17 9.06 -4.61
CA GLY A 404 -16.69 10.13 -3.74
C GLY A 404 -17.09 9.91 -2.29
N LEU A 405 -17.42 11.01 -1.62
CA LEU A 405 -17.76 10.97 -0.20
C LEU A 405 -19.22 10.54 0.00
N ASN A 406 -19.41 9.56 0.89
CA ASN A 406 -20.75 9.11 1.27
C ASN A 406 -20.92 9.23 2.78
N GLY A 407 -22.08 9.69 3.20
CA GLY A 407 -22.34 9.94 4.60
C GLY A 407 -21.74 11.27 5.03
N SER A 408 -22.58 12.23 5.35
CA SER A 408 -22.13 13.55 5.77
C SER A 408 -21.26 13.44 7.01
N LEU A 409 -20.24 14.30 7.08
CA LEU A 409 -19.32 14.31 8.22
C LEU A 409 -19.76 15.32 9.27
#